data_4GZ7
#
_entry.id   4GZ7
#
_cell.length_a   160.823
_cell.length_b   160.823
_cell.length_c   94.547
_cell.angle_alpha   90.00
_cell.angle_beta   90.00
_cell.angle_gamma   90.00
#
_symmetry.space_group_name_H-M   'I 41 2 2'
#
loop_
_entity.id
_entity.type
_entity.pdbx_description
1 polymer dihydropyrimidinase
2 non-polymer '(CARBAMOYLMETHYL-CARBOXYMETHYL-AMINO)-ACETIC ACID'
3 water water
#
_entity_poly.entity_id   1
_entity_poly.type   'polypeptide(L)'
_entity_poly.pdbx_seq_one_letter_code
;MAEAGEILIKGGKVVNEDCSFFSDVHIRGGKIVEVGPDLRVPPGARVIDATDRLVIPGGIDTHTHMELAFMGTRAVDDFH
IGTKAALAGGTTMILDFVMTQKGQSLLEAYDLWRKTADPKVCCDYSLHVAVTWWSDEVKDEMRTLAQERGVNSFKMFMAY
KGLFMLRDDELYAVFSHCKEVGAIAQVHAENGDLIAEGAKKMLSLGITGPEGHELCRPEAVEAEATQRAITIASAVNCPL
YVVHVMSKSAADVVSKARKDGRVVFGEPIAASLGTDGTNYWHKDWAHAAQYVMGPPLRPDPSTPGYLMDLLANDDLTLTG
TDNCTFSRCQKALGKDDFTRIPNGVNGVEDRMSVIWEKGVHSGKMDENRFVAVTSSNAAKIFNFYPQKGRIAKDSDADVV
IWDPKTTRKISAQTHHQAVDYNIFEGMECHGVPVVTVSRGRVVYEEGRLKVSPGQGRFIHRQPFSEFVYKRIRQRDEVGK
PAVVIREPYAGEVVALGTSD
;
_entity_poly.pdbx_strand_id   A
#
loop_
_chem_comp.id
_chem_comp.type
_chem_comp.name
_chem_comp.formula
MHA non-polymer '(CARBAMOYLMETHYL-CARBOXYMETHYL-AMINO)-ACETIC ACID' 'C6 H10 N2 O5'
#
# COMPACT_ATOMS: atom_id res chain seq x y z
N ALA A 4 -24.77 3.52 -23.56
CA ALA A 4 -25.32 2.83 -22.36
C ALA A 4 -24.17 2.59 -21.36
N GLY A 5 -22.97 2.40 -21.89
CA GLY A 5 -21.85 1.79 -21.17
C GLY A 5 -22.25 0.35 -20.84
N GLU A 6 -22.33 -0.52 -21.86
CA GLU A 6 -22.53 -1.97 -21.65
C GLU A 6 -21.38 -2.74 -22.19
N ILE A 7 -20.84 -3.62 -21.36
CA ILE A 7 -19.70 -4.48 -21.74
C ILE A 7 -20.02 -5.91 -21.36
N LEU A 8 -19.72 -6.81 -22.26
CA LEU A 8 -19.67 -8.21 -21.92
C LEU A 8 -18.24 -8.74 -22.12
N ILE A 9 -17.66 -9.29 -21.04
CA ILE A 9 -16.31 -9.94 -21.06
C ILE A 9 -16.60 -11.43 -21.22
N LYS A 10 -16.20 -11.98 -22.39
CA LYS A 10 -16.68 -13.30 -22.73
C LYS A 10 -15.50 -14.27 -22.93
N GLY A 11 -15.68 -15.50 -22.46
CA GLY A 11 -14.71 -16.53 -22.81
C GLY A 11 -13.57 -16.73 -21.79
N GLY A 12 -13.50 -15.82 -20.78
CA GLY A 12 -12.44 -15.96 -19.83
C GLY A 12 -12.68 -16.85 -18.60
N LYS A 13 -11.62 -16.92 -17.79
CA LYS A 13 -11.73 -17.63 -16.52
C LYS A 13 -11.69 -16.58 -15.40
N VAL A 14 -12.78 -16.51 -14.64
CA VAL A 14 -12.84 -15.55 -13.50
C VAL A 14 -11.96 -16.09 -12.36
N VAL A 15 -11.17 -15.21 -11.74
CA VAL A 15 -10.27 -15.57 -10.61
C VAL A 15 -10.63 -14.62 -9.45
N ASN A 16 -11.29 -15.17 -8.41
CA ASN A 16 -11.49 -14.41 -7.16
C ASN A 16 -10.53 -14.97 -6.11
N GLU A 17 -10.55 -14.39 -4.92
CA GLU A 17 -9.62 -14.86 -3.88
C GLU A 17 -9.96 -16.31 -3.40
N ASP A 18 -11.21 -16.75 -3.50
CA ASP A 18 -11.52 -18.09 -3.11
C ASP A 18 -11.35 -19.16 -4.18
N CYS A 19 -11.78 -18.93 -5.43
CA CYS A 19 -11.67 -20.01 -6.41
C CYS A 19 -11.77 -19.37 -7.80
N SER A 20 -11.43 -20.15 -8.82
CA SER A 20 -11.47 -19.67 -10.22
C SER A 20 -12.53 -20.48 -10.96
N PHE A 21 -13.13 -19.92 -12.03
CA PHE A 21 -14.20 -20.68 -12.73
C PHE A 21 -14.41 -19.96 -14.06
N PHE A 22 -14.76 -20.74 -15.07
CA PHE A 22 -15.10 -20.14 -16.39
C PHE A 22 -16.46 -19.46 -16.32
N SER A 23 -16.55 -18.19 -16.75
CA SER A 23 -17.87 -17.47 -16.77
C SER A 23 -17.65 -16.19 -17.52
N ASP A 24 -18.71 -15.69 -18.12
CA ASP A 24 -18.66 -14.35 -18.69
C ASP A 24 -19.05 -13.37 -17.61
N VAL A 25 -18.69 -12.10 -17.83
CA VAL A 25 -19.03 -11.07 -16.87
C VAL A 25 -19.76 -9.92 -17.65
N HIS A 26 -20.97 -9.58 -17.23
CA HIS A 26 -21.79 -8.51 -17.84
C HIS A 26 -21.67 -7.26 -16.98
N ILE A 27 -21.21 -6.19 -17.63
CA ILE A 27 -21.01 -4.87 -16.99
C ILE A 27 -22.01 -3.88 -17.52
N ARG A 28 -22.67 -3.17 -16.62
CA ARG A 28 -23.58 -2.08 -17.05
C ARG A 28 -23.54 -0.97 -16.01
N GLY A 29 -23.47 0.27 -16.46
CA GLY A 29 -23.59 1.42 -15.55
C GLY A 29 -22.55 1.47 -14.43
N GLY A 30 -21.29 1.10 -14.70
CA GLY A 30 -20.29 1.15 -13.62
C GLY A 30 -20.16 -0.11 -12.73
N LYS A 31 -21.07 -1.08 -12.93
CA LYS A 31 -21.22 -2.23 -12.02
C LYS A 31 -21.14 -3.53 -12.78
N ILE A 32 -20.68 -4.58 -12.10
CA ILE A 32 -20.93 -5.94 -12.60
C ILE A 32 -22.37 -6.29 -12.29
N VAL A 33 -23.15 -6.69 -13.31
CA VAL A 33 -24.58 -6.94 -13.07
C VAL A 33 -24.87 -8.41 -13.28
N GLU A 34 -23.95 -9.16 -13.90
CA GLU A 34 -24.18 -10.61 -13.97
C GLU A 34 -22.89 -11.37 -14.16
N VAL A 35 -22.72 -12.54 -13.53
CA VAL A 35 -21.53 -13.39 -13.75
C VAL A 35 -22.07 -14.79 -13.96
N GLY A 36 -21.80 -15.37 -15.13
CA GLY A 36 -22.36 -16.68 -15.46
C GLY A 36 -21.88 -17.19 -16.78
N PRO A 37 -22.05 -18.52 -17.05
CA PRO A 37 -21.62 -19.03 -18.40
C PRO A 37 -22.50 -18.59 -19.55
N ASP A 38 -21.89 -18.42 -20.70
CA ASP A 38 -22.61 -18.18 -21.98
C ASP A 38 -23.65 -17.06 -21.94
N LEU A 39 -23.26 -15.87 -21.51
CA LEU A 39 -24.28 -14.84 -21.30
C LEU A 39 -24.68 -14.27 -22.66
N ARG A 40 -25.90 -13.74 -22.77
CA ARG A 40 -26.36 -13.13 -24.06
C ARG A 40 -25.69 -11.79 -24.30
N VAL A 41 -25.31 -11.44 -25.54
CA VAL A 41 -24.82 -10.07 -25.79
C VAL A 41 -25.98 -9.10 -26.11
N PRO A 42 -26.36 -8.20 -25.16
CA PRO A 42 -27.46 -7.23 -25.49
C PRO A 42 -27.05 -6.30 -26.64
N PRO A 43 -27.99 -5.99 -27.55
CA PRO A 43 -27.72 -5.11 -28.69
C PRO A 43 -27.00 -3.85 -28.28
N GLY A 44 -25.83 -3.58 -28.85
CA GLY A 44 -25.18 -2.33 -28.51
C GLY A 44 -24.04 -2.55 -27.52
N ALA A 45 -24.01 -3.68 -26.81
CA ALA A 45 -22.94 -3.91 -25.84
C ALA A 45 -21.64 -4.29 -26.55
N ARG A 46 -20.54 -3.78 -26.04
CA ARG A 46 -19.26 -4.14 -26.58
C ARG A 46 -18.74 -5.48 -25.98
N VAL A 47 -18.32 -6.43 -26.82
CA VAL A 47 -17.78 -7.77 -26.33
C VAL A 47 -16.26 -7.67 -26.21
N ILE A 48 -15.71 -7.95 -25.04
CA ILE A 48 -14.25 -8.05 -24.90
C ILE A 48 -13.98 -9.53 -24.82
N ASP A 49 -13.15 -9.99 -25.74
CA ASP A 49 -12.93 -11.45 -25.85
C ASP A 49 -11.82 -11.84 -24.85
N ALA A 50 -12.19 -12.57 -23.82
CA ALA A 50 -11.18 -12.90 -22.76
C ALA A 50 -10.78 -14.37 -22.90
N THR A 51 -11.04 -14.99 -24.05
CA THR A 51 -10.52 -16.37 -24.29
C THR A 51 -9.05 -16.47 -24.01
N ASP A 52 -8.69 -17.53 -23.29
CA ASP A 52 -7.32 -17.76 -22.84
C ASP A 52 -6.81 -16.71 -21.89
N ARG A 53 -7.71 -15.97 -21.26
CA ARG A 53 -7.21 -14.96 -20.30
C ARG A 53 -7.89 -15.17 -18.97
N LEU A 54 -7.31 -14.56 -17.91
CA LEU A 54 -7.96 -14.57 -16.59
C LEU A 54 -8.72 -13.26 -16.46
N VAL A 55 -9.82 -13.29 -15.73
CA VAL A 55 -10.57 -12.08 -15.54
C VAL A 55 -10.57 -11.81 -14.02
N ILE A 56 -9.83 -10.78 -13.61
CA ILE A 56 -9.49 -10.60 -12.20
C ILE A 56 -9.97 -9.23 -11.75
N PRO A 57 -10.19 -9.04 -10.43
CA PRO A 57 -10.41 -7.66 -9.91
C PRO A 57 -9.17 -6.79 -10.19
N GLY A 58 -9.36 -5.53 -10.59
CA GLY A 58 -8.21 -4.67 -10.81
C GLY A 58 -7.43 -4.51 -9.51
N GLY A 59 -6.13 -4.31 -9.65
CA GLY A 59 -5.26 -4.17 -8.50
C GLY A 59 -5.67 -2.95 -7.68
N ILE A 60 -5.42 -3.03 -6.37
CA ILE A 60 -5.64 -1.87 -5.47
C ILE A 60 -4.32 -1.60 -4.80
N ASP A 61 -3.73 -0.44 -5.12
CA ASP A 61 -2.44 -0.11 -4.58
C ASP A 61 -2.67 0.60 -3.26
N THR A 62 -2.31 -0.03 -2.14
CA THR A 62 -2.65 0.55 -0.85
C THR A 62 -1.76 1.75 -0.44
N HIS A 63 -0.76 2.11 -1.28
CA HIS A 63 0.33 2.90 -0.76
C HIS A 63 0.95 3.78 -1.84
N THR A 64 0.43 5.02 -2.04
CA THR A 64 1.01 5.91 -3.04
C THR A 64 1.24 7.33 -2.48
N HIS A 65 2.06 8.12 -3.17
CA HIS A 65 2.40 9.46 -2.80
C HIS A 65 2.50 10.29 -4.10
N MET A 66 1.41 10.40 -4.84
CA MET A 66 1.43 11.07 -6.15
C MET A 66 1.72 12.60 -5.91
N GLU A 67 2.62 13.16 -6.72
CA GLU A 67 3.00 14.63 -6.67
C GLU A 67 3.23 15.16 -5.27
N LEU A 68 3.83 14.30 -4.41
CA LEU A 68 4.21 14.75 -3.03
C LEU A 68 5.39 15.73 -3.07
N ALA A 69 5.27 16.87 -2.40
CA ALA A 69 6.37 17.88 -2.44
C ALA A 69 7.66 17.43 -1.71
N PHE A 70 8.85 17.53 -2.34
CA PHE A 70 10.12 17.44 -1.57
C PHE A 70 10.90 18.77 -1.74
N MET A 71 11.02 19.50 -0.62
CA MET A 71 11.67 20.82 -0.58
C MET A 71 11.21 21.68 -1.78
N GLY A 72 9.89 21.73 -2.00
CA GLY A 72 9.31 22.53 -3.10
C GLY A 72 9.12 21.82 -4.44
N THR A 73 10.09 20.98 -4.84
CA THR A 73 9.96 20.13 -6.04
C THR A 73 9.09 18.84 -5.79
N ARG A 74 8.17 18.56 -6.70
CA ARG A 74 7.16 17.57 -6.43
C ARG A 74 7.50 16.24 -7.09
N ALA A 75 7.06 15.12 -6.48
CA ALA A 75 7.28 13.83 -7.13
C ALA A 75 6.76 14.00 -8.56
N VAL A 76 7.41 13.39 -9.55
CA VAL A 76 7.04 13.63 -10.95
C VAL A 76 5.81 12.86 -11.39
N ASP A 77 5.56 11.66 -10.82
CA ASP A 77 4.25 11.04 -11.07
C ASP A 77 3.19 11.76 -10.20
N ASP A 78 2.31 12.54 -10.89
CA ASP A 78 1.25 13.31 -10.22
C ASP A 78 -0.06 12.47 -10.23
N PHE A 79 -1.18 13.03 -9.75
CA PHE A 79 -2.40 12.20 -9.69
C PHE A 79 -2.92 11.76 -11.06
N HIS A 80 -2.63 12.59 -12.07
CA HIS A 80 -3.04 12.27 -13.45
C HIS A 80 -2.17 11.20 -14.08
N ILE A 81 -0.84 11.46 -14.17
CA ILE A 81 0.06 10.52 -14.90
C ILE A 81 0.20 9.25 -14.05
N GLY A 82 0.27 9.44 -12.73
CA GLY A 82 0.38 8.27 -11.79
C GLY A 82 -0.81 7.30 -11.89
N THR A 83 -2.05 7.80 -12.04
CA THR A 83 -3.20 6.87 -12.20
C THR A 83 -3.34 6.28 -13.57
N LYS A 84 -2.94 7.05 -14.59
CA LYS A 84 -2.83 6.43 -15.93
C LYS A 84 -1.82 5.26 -15.92
N ALA A 85 -0.66 5.48 -15.28
CA ALA A 85 0.36 4.44 -15.22
C ALA A 85 -0.16 3.23 -14.45
N ALA A 86 -0.85 3.49 -13.33
CA ALA A 86 -1.59 2.42 -12.64
C ALA A 86 -2.47 1.59 -13.60
N LEU A 87 -3.35 2.27 -14.35
CA LEU A 87 -4.24 1.51 -15.25
C LEU A 87 -3.52 0.68 -16.27
N ALA A 88 -2.46 1.25 -16.83
CA ALA A 88 -1.70 0.56 -17.88
C ALA A 88 -1.04 -0.71 -17.27
N GLY A 89 -0.83 -0.69 -15.93
CA GLY A 89 -0.28 -1.90 -15.26
C GLY A 89 -1.26 -2.80 -14.58
N GLY A 90 -2.55 -2.57 -14.80
CA GLY A 90 -3.58 -3.46 -14.24
C GLY A 90 -4.02 -3.06 -12.80
N THR A 91 -3.72 -1.83 -12.37
CA THR A 91 -4.15 -1.41 -11.04
C THR A 91 -5.27 -0.34 -11.27
N THR A 92 -6.40 -0.47 -10.57
CA THR A 92 -7.57 0.34 -10.80
C THR A 92 -7.92 1.19 -9.63
N MET A 93 -7.17 1.05 -8.53
CA MET A 93 -7.44 2.01 -7.46
C MET A 93 -6.13 2.28 -6.72
N ILE A 94 -5.93 3.52 -6.25
CA ILE A 94 -4.78 3.86 -5.42
C ILE A 94 -5.27 4.48 -4.11
N LEU A 95 -4.53 4.25 -3.02
CA LEU A 95 -4.81 4.92 -1.75
C LEU A 95 -3.52 5.72 -1.40
N ASP A 96 -3.71 7.02 -1.30
CA ASP A 96 -2.63 7.96 -1.22
C ASP A 96 -2.61 8.61 0.17
N PHE A 97 -1.45 9.10 0.66
CA PHE A 97 -1.37 9.60 2.05
C PHE A 97 -1.46 11.11 2.02
N VAL A 98 -2.37 11.62 2.80
CA VAL A 98 -2.41 13.02 3.09
C VAL A 98 -1.27 13.31 4.09
N MET A 99 -0.26 14.11 3.71
CA MET A 99 0.92 14.31 4.59
C MET A 99 0.79 15.63 5.36
N THR A 100 0.24 15.62 6.53
CA THR A 100 0.02 16.87 7.25
C THR A 100 1.36 17.28 7.93
N GLN A 101 1.69 18.56 7.87
CA GLN A 101 2.88 19.06 8.58
C GLN A 101 2.57 19.17 10.10
N LYS A 102 3.60 19.04 10.93
CA LYS A 102 3.48 19.18 12.35
C LYS A 102 2.76 20.51 12.73
N GLY A 103 1.70 20.45 13.54
CA GLY A 103 1.00 21.74 13.94
C GLY A 103 -0.01 22.18 12.89
N GLN A 104 -0.10 21.50 11.76
CA GLN A 104 -1.09 21.89 10.72
C GLN A 104 -2.39 21.07 10.83
N SER A 105 -3.49 21.68 10.47
CA SER A 105 -4.80 21.03 10.48
C SER A 105 -4.89 19.81 9.51
N LEU A 106 -5.35 18.68 10.05
CA LEU A 106 -5.46 17.48 9.23
C LEU A 106 -6.61 17.69 8.25
N LEU A 107 -7.65 18.45 8.68
CA LEU A 107 -8.80 18.64 7.79
C LEU A 107 -8.42 19.51 6.62
N GLU A 108 -7.63 20.57 6.90
CA GLU A 108 -7.07 21.41 5.81
C GLU A 108 -6.21 20.58 4.86
N ALA A 109 -5.34 19.70 5.39
CA ALA A 109 -4.52 18.95 4.46
C ALA A 109 -5.39 17.98 3.68
N TYR A 110 -6.37 17.34 4.33
CA TYR A 110 -7.32 16.43 3.56
C TYR A 110 -8.02 17.23 2.41
N ASP A 111 -8.50 18.45 2.71
CA ASP A 111 -9.20 19.25 1.67
C ASP A 111 -8.24 19.57 0.50
N LEU A 112 -6.99 19.88 0.84
CA LEU A 112 -6.01 20.18 -0.21
C LEU A 112 -5.73 18.94 -1.09
N TRP A 113 -5.65 17.76 -0.47
CA TRP A 113 -5.47 16.51 -1.25
C TRP A 113 -6.65 16.27 -2.15
N ARG A 114 -7.88 16.45 -1.62
CA ARG A 114 -9.10 16.18 -2.45
C ARG A 114 -9.11 17.19 -3.63
N LYS A 115 -8.83 18.44 -3.33
CA LYS A 115 -8.88 19.47 -4.44
C LYS A 115 -7.79 19.20 -5.48
N THR A 116 -6.65 18.64 -5.05
CA THR A 116 -5.57 18.33 -6.01
C THR A 116 -5.94 17.10 -6.78
N ALA A 117 -6.43 16.04 -6.08
CA ALA A 117 -6.64 14.73 -6.73
C ALA A 117 -7.96 14.63 -7.52
N ASP A 118 -9.06 15.17 -6.98
CA ASP A 118 -10.37 14.95 -7.62
C ASP A 118 -10.38 15.31 -9.14
N PRO A 119 -9.75 16.44 -9.55
CA PRO A 119 -9.92 16.77 -10.99
C PRO A 119 -8.90 16.07 -11.88
N LYS A 120 -7.96 15.32 -11.27
CA LYS A 120 -6.92 14.62 -11.97
C LYS A 120 -6.96 13.12 -12.03
N VAL A 121 -7.46 12.45 -11.00
CA VAL A 121 -7.38 10.93 -11.07
C VAL A 121 -8.10 10.36 -12.26
N CYS A 122 -7.51 9.33 -12.84
CA CYS A 122 -8.10 8.62 -13.95
C CYS A 122 -8.69 7.31 -13.50
N CYS A 123 -8.38 6.89 -12.28
CA CYS A 123 -9.03 5.68 -11.70
C CYS A 123 -9.53 6.06 -10.31
N ASP A 124 -10.32 5.20 -9.66
CA ASP A 124 -10.84 5.54 -8.29
C ASP A 124 -9.67 5.61 -7.29
N TYR A 125 -9.89 6.28 -6.18
CA TYR A 125 -8.87 6.40 -5.19
C TYR A 125 -9.48 6.66 -3.83
N SER A 126 -8.66 6.53 -2.78
CA SER A 126 -9.04 7.00 -1.49
C SER A 126 -7.79 7.51 -0.78
N LEU A 127 -7.96 7.93 0.46
CA LEU A 127 -6.89 8.58 1.20
C LEU A 127 -6.69 8.00 2.57
N HIS A 128 -5.40 8.01 3.01
CA HIS A 128 -5.08 7.71 4.40
C HIS A 128 -4.64 9.05 4.92
N VAL A 129 -4.75 9.26 6.23
CA VAL A 129 -4.33 10.60 6.77
C VAL A 129 -3.18 10.47 7.80
N ALA A 130 -2.05 11.15 7.52
CA ALA A 130 -0.92 11.03 8.44
C ALA A 130 -1.22 11.86 9.71
N VAL A 131 -0.87 11.31 10.89
CA VAL A 131 -1.08 11.97 12.17
C VAL A 131 0.33 12.27 12.66
N THR A 132 0.79 13.48 12.34
CA THR A 132 2.23 13.81 12.57
C THR A 132 2.44 14.68 13.79
N TRP A 133 1.37 14.94 14.50
CA TRP A 133 1.50 15.54 15.80
C TRP A 133 0.26 15.21 16.56
N TRP A 134 0.14 15.65 17.83
CA TRP A 134 -0.95 15.20 18.74
C TRP A 134 -1.40 16.29 19.64
N SER A 135 -2.71 16.48 19.75
CA SER A 135 -3.28 17.56 20.56
C SER A 135 -4.79 17.32 20.53
N ASP A 136 -5.54 18.13 21.27
CA ASP A 136 -6.98 18.02 21.33
C ASP A 136 -7.59 18.25 19.94
N GLU A 137 -7.09 19.23 19.19
CA GLU A 137 -7.52 19.51 17.84
C GLU A 137 -7.33 18.24 16.93
N VAL A 138 -6.14 17.62 17.03
CA VAL A 138 -5.86 16.45 16.15
C VAL A 138 -6.90 15.35 16.48
N LYS A 139 -7.15 15.17 17.76
CA LYS A 139 -8.08 14.22 18.24
C LYS A 139 -9.47 14.46 17.60
N ASP A 140 -9.94 15.71 17.64
CA ASP A 140 -11.25 16.01 17.06
C ASP A 140 -11.23 15.85 15.54
N GLU A 141 -10.15 16.27 14.85
CA GLU A 141 -10.11 16.16 13.44
C GLU A 141 -10.09 14.69 13.00
N MET A 142 -9.39 13.87 13.76
CA MET A 142 -9.43 12.42 13.39
C MET A 142 -10.89 11.86 13.50
N ARG A 143 -11.62 12.23 14.57
CA ARG A 143 -13.02 11.80 14.65
C ARG A 143 -13.81 12.28 13.42
N THR A 144 -13.65 13.57 13.05
CA THR A 144 -14.37 14.07 11.83
C THR A 144 -14.01 13.30 10.55
N LEU A 145 -12.71 13.05 10.36
CA LEU A 145 -12.26 12.34 9.18
C LEU A 145 -12.87 10.96 9.09
N ALA A 146 -12.81 10.23 10.21
CA ALA A 146 -13.38 8.89 10.29
C ALA A 146 -14.90 8.86 10.07
N GLN A 147 -15.60 9.82 10.69
CA GLN A 147 -17.10 9.78 10.65
C GLN A 147 -17.74 10.44 9.44
N GLU A 148 -17.07 11.47 8.88
CA GLU A 148 -17.64 12.31 7.84
C GLU A 148 -16.86 12.34 6.54
N ARG A 149 -15.55 12.03 6.56
CA ARG A 149 -14.72 12.32 5.34
C ARG A 149 -14.25 11.07 4.62
N GLY A 150 -14.75 9.93 5.05
CA GLY A 150 -14.54 8.73 4.29
C GLY A 150 -13.17 8.05 4.58
N VAL A 151 -12.49 8.43 5.67
CA VAL A 151 -11.10 7.96 5.96
C VAL A 151 -11.08 7.08 7.21
N ASN A 152 -10.74 5.78 7.09
CA ASN A 152 -10.64 4.97 8.31
C ASN A 152 -9.21 4.53 8.58
N SER A 153 -8.20 5.25 8.04
CA SER A 153 -6.81 4.80 8.19
C SER A 153 -5.96 5.99 8.51
N PHE A 154 -5.24 5.94 9.63
CA PHE A 154 -4.33 7.01 10.02
C PHE A 154 -2.91 6.53 10.07
N LYS A 155 -1.98 7.35 9.59
CA LYS A 155 -0.55 6.87 9.51
C LYS A 155 0.33 7.60 10.47
N MET A 156 1.03 6.82 11.30
CA MET A 156 1.91 7.40 12.32
C MET A 156 3.36 6.99 12.06
N PHE A 157 4.29 7.89 12.43
CA PHE A 157 5.69 7.67 12.15
C PHE A 157 6.48 7.44 13.45
N MET A 158 7.26 6.37 13.43
CA MET A 158 8.27 6.20 14.51
C MET A 158 9.67 6.72 14.03
N ALA A 159 9.81 6.95 12.72
CA ALA A 159 11.00 7.56 12.07
C ALA A 159 10.78 9.10 11.90
N TYR A 160 11.81 9.78 11.48
CA TYR A 160 11.78 11.22 11.15
C TYR A 160 11.73 12.14 12.41
N LYS A 161 12.78 12.00 13.24
CA LYS A 161 12.88 12.71 14.49
C LYS A 161 12.83 14.23 14.18
N GLY A 162 12.02 14.99 14.90
CA GLY A 162 11.97 16.45 14.68
C GLY A 162 11.00 16.80 13.62
N LEU A 163 10.61 15.82 12.81
CA LEU A 163 9.76 16.16 11.68
C LEU A 163 8.36 15.54 11.77
N PHE A 164 8.28 14.21 11.82
CA PHE A 164 6.95 13.48 11.93
C PHE A 164 6.88 12.52 13.14
N MET A 165 8.02 12.20 13.75
CA MET A 165 8.10 11.20 14.81
C MET A 165 7.21 11.48 16.01
N LEU A 166 6.57 10.42 16.49
CA LEU A 166 5.85 10.44 17.74
C LEU A 166 6.52 9.44 18.68
N ARG A 167 6.59 9.83 19.96
CA ARG A 167 7.18 9.03 21.03
C ARG A 167 6.14 8.01 21.51
N ASP A 168 6.59 7.04 22.28
CA ASP A 168 5.74 5.90 22.65
C ASP A 168 4.47 6.37 23.43
N ASP A 169 4.62 7.35 24.32
CA ASP A 169 3.42 7.85 25.01
C ASP A 169 2.38 8.46 24.03
N GLU A 170 2.82 9.19 23.01
CA GLU A 170 1.90 9.77 22.03
C GLU A 170 1.34 8.67 21.12
N LEU A 171 2.16 7.69 20.75
CA LEU A 171 1.63 6.56 19.98
C LEU A 171 0.55 5.82 20.73
N TYR A 172 0.73 5.57 22.02
CA TYR A 172 -0.30 4.92 22.84
C TYR A 172 -1.61 5.74 22.75
N ALA A 173 -1.53 7.07 22.96
CA ALA A 173 -2.76 7.92 22.91
C ALA A 173 -3.40 7.91 21.52
N VAL A 174 -2.58 8.03 20.46
CA VAL A 174 -3.08 8.11 19.08
C VAL A 174 -3.69 6.75 18.73
N PHE A 175 -2.99 5.67 19.09
CA PHE A 175 -3.60 4.33 18.84
C PHE A 175 -4.91 4.12 19.63
N SER A 176 -4.97 4.52 20.90
CA SER A 176 -6.20 4.36 21.65
C SER A 176 -7.28 5.13 20.91
N HIS A 177 -6.96 6.31 20.35
CA HIS A 177 -8.00 7.10 19.69
C HIS A 177 -8.42 6.51 18.33
N CYS A 178 -7.49 5.90 17.60
CA CYS A 178 -7.81 5.16 16.38
C CYS A 178 -8.83 4.12 16.73
N LYS A 179 -8.58 3.35 17.81
CA LYS A 179 -9.51 2.33 18.18
C LYS A 179 -10.93 2.93 18.50
N GLU A 180 -10.96 4.03 19.25
CA GLU A 180 -12.27 4.62 19.59
C GLU A 180 -13.02 5.05 18.37
N VAL A 181 -12.33 5.54 17.33
CA VAL A 181 -13.10 6.03 16.13
C VAL A 181 -13.26 4.95 15.06
N GLY A 182 -12.77 3.74 15.33
CA GLY A 182 -12.91 2.64 14.38
C GLY A 182 -11.97 2.72 13.17
N ALA A 183 -10.77 3.30 13.37
CA ALA A 183 -9.83 3.40 12.27
C ALA A 183 -8.78 2.29 12.45
N ILE A 184 -8.00 2.03 11.42
CA ILE A 184 -6.83 1.18 11.63
C ILE A 184 -5.62 2.08 11.77
N ALA A 185 -4.68 1.76 12.65
CA ALA A 185 -3.48 2.55 12.80
C ALA A 185 -2.40 2.00 11.84
N GLN A 186 -1.95 2.82 10.89
CA GLN A 186 -0.79 2.43 10.05
C GLN A 186 0.50 2.99 10.67
N VAL A 187 1.63 2.27 10.53
CA VAL A 187 2.87 2.84 11.14
C VAL A 187 4.02 2.70 10.20
N HIS A 188 4.81 3.77 10.15
CA HIS A 188 6.16 3.68 9.58
C HIS A 188 7.03 3.23 10.75
N ALA A 189 7.43 1.97 10.74
CA ALA A 189 8.17 1.37 11.88
C ALA A 189 9.68 1.30 11.66
N GLU A 190 10.41 2.42 11.93
CA GLU A 190 11.84 2.37 12.11
C GLU A 190 12.15 3.29 13.29
N ASN A 191 13.20 2.98 14.01
CA ASN A 191 13.54 3.75 15.18
C ASN A 191 14.17 5.10 14.75
N GLY A 192 13.46 6.19 14.93
CA GLY A 192 13.94 7.51 14.41
C GLY A 192 15.18 8.01 15.16
N ASP A 193 15.33 7.65 16.43
CA ASP A 193 16.54 8.08 17.20
C ASP A 193 17.76 7.40 16.64
N LEU A 194 17.62 6.13 16.26
CA LEU A 194 18.76 5.43 15.63
C LEU A 194 19.07 5.93 14.22
N ILE A 195 18.05 6.18 13.39
CA ILE A 195 18.28 6.77 12.06
C ILE A 195 19.09 8.12 12.18
N ALA A 196 18.61 8.97 13.09
CA ALA A 196 19.21 10.27 13.25
C ALA A 196 20.68 10.12 13.59
N GLU A 197 21.01 9.22 14.54
CA GLU A 197 22.41 9.04 14.92
C GLU A 197 23.21 8.34 13.84
N GLY A 198 22.59 7.39 13.16
CA GLY A 198 23.31 6.56 12.20
C GLY A 198 23.68 7.47 11.01
N ALA A 199 22.75 8.33 10.56
CA ALA A 199 23.05 9.20 9.40
C ALA A 199 24.20 10.17 9.76
N LYS A 200 24.13 10.78 10.95
CA LYS A 200 25.19 11.73 11.41
C LYS A 200 26.52 10.96 11.43
N LYS A 201 26.48 9.73 11.90
CA LYS A 201 27.73 8.95 11.91
C LYS A 201 28.29 8.64 10.50
N MET A 202 27.47 8.14 9.58
CA MET A 202 27.94 7.85 8.22
C MET A 202 28.53 9.13 7.55
N LEU A 203 27.84 10.26 7.69
CA LEU A 203 28.35 11.49 7.06
C LEU A 203 29.71 11.90 7.64
N SER A 204 29.86 11.83 8.98
CA SER A 204 31.12 12.16 9.66
C SER A 204 32.25 11.26 9.14
N LEU A 205 31.93 10.03 8.72
CA LEU A 205 32.94 9.10 8.18
C LEU A 205 33.15 9.30 6.70
N GLY A 206 32.47 10.28 6.12
CA GLY A 206 32.58 10.56 4.69
C GLY A 206 31.88 9.58 3.79
N ILE A 207 30.94 8.77 4.34
CA ILE A 207 30.14 7.87 3.51
C ILE A 207 28.91 8.68 3.12
N THR A 208 28.97 9.39 1.99
CA THR A 208 27.91 10.32 1.61
C THR A 208 26.98 9.75 0.53
N GLY A 209 27.37 8.62 -0.08
CA GLY A 209 26.63 7.97 -1.14
C GLY A 209 25.47 7.10 -0.68
N PRO A 210 24.71 6.57 -1.62
CA PRO A 210 23.51 5.86 -1.20
C PRO A 210 23.78 4.67 -0.26
N GLU A 211 25.00 4.13 -0.22
CA GLU A 211 25.26 2.97 0.67
C GLU A 211 25.19 3.50 2.10
N GLY A 212 25.52 4.76 2.34
CA GLY A 212 25.35 5.22 3.70
C GLY A 212 23.88 5.31 4.14
N HIS A 213 22.99 5.51 3.17
CA HIS A 213 21.53 5.56 3.45
C HIS A 213 21.06 4.20 4.03
N GLU A 214 21.53 3.10 3.48
CA GLU A 214 21.17 1.77 4.05
C GLU A 214 21.96 1.48 5.33
N LEU A 215 23.29 1.75 5.31
CA LEU A 215 24.15 1.45 6.46
C LEU A 215 23.79 2.20 7.74
N CYS A 216 23.19 3.39 7.59
CA CYS A 216 22.83 4.12 8.78
C CYS A 216 21.56 3.55 9.49
N ARG A 217 20.82 2.66 8.84
CA ARG A 217 19.59 2.15 9.44
C ARG A 217 19.35 0.70 8.97
N PRO A 218 20.19 -0.25 9.42
CA PRO A 218 20.13 -1.60 8.86
C PRO A 218 18.82 -2.22 9.42
N GLU A 219 18.51 -3.45 9.00
CA GLU A 219 17.17 -3.99 9.27
C GLU A 219 16.78 -4.20 10.75
N ALA A 220 17.77 -4.33 11.65
CA ALA A 220 17.43 -4.39 13.09
C ALA A 220 16.66 -3.13 13.54
N VAL A 221 16.92 -1.99 12.89
CA VAL A 221 16.28 -0.69 13.28
C VAL A 221 14.80 -0.75 12.86
N GLU A 222 14.52 -1.39 11.70
CA GLU A 222 13.12 -1.55 11.26
C GLU A 222 12.39 -2.64 12.15
N ALA A 223 13.09 -3.79 12.43
CA ALA A 223 12.49 -4.87 13.26
C ALA A 223 12.14 -4.44 14.68
N GLU A 224 13.04 -3.62 15.25
CA GLU A 224 12.83 -3.14 16.59
C GLU A 224 11.54 -2.33 16.62
N ALA A 225 11.47 -1.31 15.78
CA ALA A 225 10.29 -0.43 15.88
C ALA A 225 9.02 -1.22 15.52
N THR A 226 9.10 -2.18 14.60
CA THR A 226 7.91 -2.95 14.28
C THR A 226 7.38 -3.71 15.51
N GLN A 227 8.26 -4.38 16.28
CA GLN A 227 7.84 -5.06 17.46
C GLN A 227 7.24 -4.06 18.48
N ARG A 228 7.93 -2.95 18.60
CA ARG A 228 7.45 -1.87 19.50
C ARG A 228 6.03 -1.39 19.16
N ALA A 229 5.78 -1.10 17.88
CA ALA A 229 4.42 -0.66 17.49
C ALA A 229 3.40 -1.76 17.82
N ILE A 230 3.77 -3.01 17.49
CA ILE A 230 2.85 -4.14 17.80
C ILE A 230 2.50 -4.24 19.29
N THR A 231 3.52 -4.05 20.12
CA THR A 231 3.38 -4.15 21.56
C THR A 231 2.47 -3.04 22.11
N ILE A 232 2.70 -1.83 21.67
CA ILE A 232 1.80 -0.73 22.04
C ILE A 232 0.35 -0.98 21.57
N ALA A 233 0.19 -1.34 20.30
CA ALA A 233 -1.17 -1.49 19.74
C ALA A 233 -1.85 -2.65 20.49
N SER A 234 -1.10 -3.71 20.79
CA SER A 234 -1.67 -4.82 21.54
C SER A 234 -2.09 -4.36 22.96
N ALA A 235 -1.30 -3.47 23.57
CA ALA A 235 -1.66 -3.03 24.91
C ALA A 235 -3.00 -2.30 24.88
N VAL A 236 -3.30 -1.57 23.80
CA VAL A 236 -4.57 -0.86 23.82
C VAL A 236 -5.66 -1.55 23.02
N ASN A 237 -5.41 -2.80 22.53
CA ASN A 237 -6.35 -3.46 21.62
C ASN A 237 -6.74 -2.64 20.38
N CYS A 238 -5.75 -1.96 19.75
CA CYS A 238 -5.97 -1.19 18.53
C CYS A 238 -5.42 -2.02 17.35
N PRO A 239 -6.21 -2.18 16.30
CA PRO A 239 -5.68 -2.89 15.08
C PRO A 239 -4.54 -2.10 14.42
N LEU A 240 -3.53 -2.81 13.92
CA LEU A 240 -2.28 -2.17 13.47
C LEU A 240 -1.93 -2.61 12.06
N TYR A 241 -1.42 -1.66 11.25
CA TYR A 241 -1.04 -2.00 9.88
C TYR A 241 0.40 -1.49 9.67
N VAL A 242 1.32 -2.40 9.37
CA VAL A 242 2.76 -1.99 9.20
C VAL A 242 2.96 -1.76 7.71
N VAL A 243 3.12 -0.48 7.34
CA VAL A 243 3.32 -0.13 5.93
C VAL A 243 4.79 -0.47 5.49
N HIS A 244 4.99 -0.64 4.17
CA HIS A 244 6.32 -0.91 3.54
C HIS A 244 7.26 -1.75 4.39
N VAL A 245 6.88 -3.01 4.60
CA VAL A 245 7.80 -3.97 5.18
C VAL A 245 8.92 -4.24 4.15
N MET A 246 10.14 -3.93 4.56
CA MET A 246 11.26 -4.03 3.63
C MET A 246 12.22 -5.16 3.98
N SER A 247 12.09 -5.79 5.14
CA SER A 247 13.17 -6.70 5.54
C SER A 247 12.70 -8.01 6.10
N LYS A 248 13.55 -9.04 5.97
CA LYS A 248 13.17 -10.37 6.51
C LYS A 248 12.92 -10.28 8.00
N SER A 249 13.78 -9.58 8.71
CA SER A 249 13.57 -9.61 10.18
C SER A 249 12.28 -8.81 10.59
N ALA A 250 11.96 -7.67 9.96
CA ALA A 250 10.69 -7.01 10.31
C ALA A 250 9.50 -7.88 9.88
N ALA A 251 9.61 -8.56 8.72
CA ALA A 251 8.53 -9.42 8.31
C ALA A 251 8.35 -10.54 9.37
N ASP A 252 9.46 -11.09 9.90
CA ASP A 252 9.35 -12.14 10.89
C ASP A 252 8.72 -11.65 12.20
N VAL A 253 8.94 -10.38 12.58
CA VAL A 253 8.22 -9.85 13.75
C VAL A 253 6.69 -9.86 13.52
N VAL A 254 6.27 -9.41 12.33
CA VAL A 254 4.82 -9.36 12.06
C VAL A 254 4.32 -10.83 12.03
N SER A 255 5.10 -11.70 11.37
CA SER A 255 4.68 -13.13 11.31
C SER A 255 4.44 -13.74 12.74
N LYS A 256 5.40 -13.53 13.62
CA LYS A 256 5.30 -14.07 15.00
C LYS A 256 4.10 -13.44 15.75
N ALA A 257 3.95 -12.14 15.57
CA ALA A 257 2.85 -11.46 16.28
C ALA A 257 1.46 -12.02 15.81
N ARG A 258 1.29 -12.30 14.53
CA ARG A 258 0.01 -12.82 14.03
C ARG A 258 -0.21 -14.23 14.55
N LYS A 259 0.83 -15.06 14.56
CA LYS A 259 0.69 -16.43 15.13
C LYS A 259 0.30 -16.35 16.65
N ASP A 260 0.75 -15.30 17.32
CA ASP A 260 0.37 -15.03 18.69
C ASP A 260 -1.04 -14.31 18.76
N GLY A 261 -1.73 -14.12 17.63
CA GLY A 261 -3.10 -13.66 17.71
C GLY A 261 -3.21 -12.13 17.72
N ARG A 262 -2.07 -11.42 17.55
CA ARG A 262 -2.11 -9.93 17.45
C ARG A 262 -2.83 -9.50 16.19
N VAL A 263 -3.69 -8.50 16.33
CA VAL A 263 -4.40 -7.96 15.17
C VAL A 263 -3.45 -6.99 14.47
N VAL A 264 -2.63 -7.55 13.56
CA VAL A 264 -1.68 -6.69 12.87
C VAL A 264 -1.61 -7.21 11.43
N PHE A 265 -1.43 -6.32 10.49
CA PHE A 265 -1.26 -6.72 9.04
C PHE A 265 0.05 -6.12 8.54
N GLY A 266 0.79 -6.90 7.74
CA GLY A 266 2.06 -6.41 7.16
C GLY A 266 1.97 -6.29 5.62
N GLU A 267 2.54 -5.18 5.11
CA GLU A 267 2.37 -4.73 3.74
C GLU A 267 3.77 -4.61 3.12
N PRO A 268 4.25 -5.67 2.41
CA PRO A 268 5.49 -5.44 1.64
C PRO A 268 5.07 -4.62 0.40
N ILE A 269 6.05 -4.05 -0.32
CA ILE A 269 5.70 -3.29 -1.52
C ILE A 269 6.40 -3.92 -2.72
N ALA A 270 6.01 -3.48 -3.90
CA ALA A 270 6.59 -4.05 -5.17
C ALA A 270 8.12 -3.97 -5.11
N ALA A 271 8.65 -2.84 -4.65
CA ALA A 271 10.09 -2.73 -4.57
C ALA A 271 10.78 -3.85 -3.73
N SER A 272 10.27 -4.04 -2.52
CA SER A 272 10.86 -5.03 -1.64
C SER A 272 10.55 -6.49 -2.08
N LEU A 273 9.61 -6.67 -2.99
CA LEU A 273 9.32 -8.00 -3.54
C LEU A 273 10.04 -8.32 -4.85
N GLY A 274 10.55 -7.29 -5.49
CA GLY A 274 11.00 -7.40 -6.86
C GLY A 274 12.47 -7.00 -7.02
N THR A 275 13.05 -6.33 -6.03
CA THR A 275 14.45 -5.98 -6.18
C THR A 275 15.13 -6.01 -4.80
N ASP A 276 16.40 -5.56 -4.70
CA ASP A 276 17.06 -5.49 -3.40
C ASP A 276 17.99 -4.27 -3.26
N GLY A 277 18.58 -4.10 -2.06
CA GLY A 277 19.40 -2.93 -1.78
C GLY A 277 20.88 -3.09 -2.14
N THR A 278 21.27 -4.21 -2.79
CA THR A 278 22.68 -4.29 -3.23
C THR A 278 22.94 -3.13 -4.26
N ASN A 279 21.88 -2.66 -4.94
CA ASN A 279 21.96 -1.49 -5.85
C ASN A 279 22.50 -0.21 -5.24
N TYR A 280 22.45 -0.09 -3.90
CA TYR A 280 23.00 1.09 -3.25
C TYR A 280 24.54 1.13 -3.33
N TRP A 281 25.11 -0.03 -3.52
CA TRP A 281 26.56 -0.18 -3.69
C TRP A 281 27.01 -0.11 -5.15
N HIS A 282 26.11 0.18 -6.11
CA HIS A 282 26.53 0.30 -7.55
C HIS A 282 27.52 1.46 -7.70
N LYS A 283 28.54 1.25 -8.53
CA LYS A 283 29.57 2.27 -8.79
C LYS A 283 29.03 3.57 -9.38
N ASP A 284 27.98 3.47 -10.18
CA ASP A 284 27.33 4.67 -10.77
C ASP A 284 26.40 5.35 -9.72
N TRP A 285 26.73 6.58 -9.30
CA TRP A 285 25.97 7.24 -8.27
C TRP A 285 24.51 7.32 -8.65
N ALA A 286 24.22 7.67 -9.92
CA ALA A 286 22.85 7.91 -10.29
C ALA A 286 22.04 6.61 -10.12
N HIS A 287 22.62 5.49 -10.53
CA HIS A 287 21.93 4.18 -10.47
C HIS A 287 21.56 3.89 -9.02
N ALA A 288 22.55 4.03 -8.12
CA ALA A 288 22.38 3.73 -6.72
C ALA A 288 21.32 4.63 -6.11
N ALA A 289 21.34 5.94 -6.39
CA ALA A 289 20.32 6.88 -5.84
C ALA A 289 18.86 6.54 -6.29
N GLN A 290 18.69 5.90 -7.45
CA GLN A 290 17.33 5.59 -7.95
C GLN A 290 16.55 4.75 -6.92
N TYR A 291 17.25 3.93 -6.12
CA TYR A 291 16.64 2.96 -5.19
C TYR A 291 16.42 3.53 -3.82
N VAL A 292 16.87 4.76 -3.53
CA VAL A 292 16.80 5.30 -2.20
C VAL A 292 15.31 5.61 -1.89
N MET A 293 14.88 5.04 -0.79
CA MET A 293 13.57 5.25 -0.14
C MET A 293 13.69 4.87 1.38
N GLY A 294 12.65 5.18 2.16
CA GLY A 294 12.69 4.91 3.58
C GLY A 294 11.47 4.03 3.89
N PRO A 295 11.67 2.87 4.56
CA PRO A 295 12.99 2.30 4.92
C PRO A 295 13.73 1.81 3.64
N PRO A 296 15.05 1.60 3.71
CA PRO A 296 15.82 1.19 2.53
C PRO A 296 15.55 -0.25 2.16
N LEU A 297 15.74 -0.52 0.87
CA LEU A 297 15.92 -1.87 0.36
C LEU A 297 17.12 -2.51 0.99
N ARG A 298 17.11 -3.83 1.14
CA ARG A 298 18.10 -4.46 1.99
C ARG A 298 19.14 -5.20 1.12
N PRO A 299 20.41 -5.16 1.54
CA PRO A 299 21.46 -5.81 0.75
C PRO A 299 21.55 -7.35 0.89
N ASP A 300 20.69 -8.00 1.68
CA ASP A 300 20.63 -9.43 1.64
C ASP A 300 19.76 -9.89 0.44
N PRO A 301 20.36 -10.55 -0.58
CA PRO A 301 19.61 -10.83 -1.80
C PRO A 301 18.53 -11.89 -1.63
N SER A 302 18.48 -12.58 -0.51
CA SER A 302 17.42 -13.58 -0.25
C SER A 302 16.13 -12.81 0.21
N THR A 303 16.23 -11.49 0.40
CA THR A 303 15.07 -10.70 0.97
C THR A 303 13.78 -10.75 0.13
N PRO A 304 13.83 -10.38 -1.13
CA PRO A 304 12.54 -10.34 -1.88
C PRO A 304 11.89 -11.72 -2.01
N GLY A 305 12.67 -12.79 -2.23
CA GLY A 305 12.07 -14.13 -2.31
C GLY A 305 11.43 -14.53 -0.96
N TYR A 306 12.05 -14.11 0.15
CA TYR A 306 11.54 -14.49 1.47
C TYR A 306 10.28 -13.71 1.78
N LEU A 307 10.28 -12.41 1.46
CA LEU A 307 9.05 -11.63 1.64
C LEU A 307 7.92 -12.21 0.79
N MET A 308 8.24 -12.70 -0.44
CA MET A 308 7.19 -13.27 -1.28
C MET A 308 6.72 -14.61 -0.62
N ASP A 309 7.63 -15.40 -0.01
CA ASP A 309 7.18 -16.66 0.66
C ASP A 309 6.19 -16.29 1.80
N LEU A 310 6.50 -15.23 2.51
CA LEU A 310 5.68 -14.87 3.69
C LEU A 310 4.37 -14.25 3.16
N LEU A 311 4.41 -13.54 2.02
CA LEU A 311 3.12 -13.03 1.44
C LEU A 311 2.25 -14.20 0.96
N ALA A 312 2.87 -15.22 0.35
CA ALA A 312 2.14 -16.42 -0.08
C ALA A 312 1.47 -17.12 1.10
N ASN A 313 2.17 -17.13 2.25
CA ASN A 313 1.74 -17.89 3.43
C ASN A 313 0.77 -17.03 4.35
N ASP A 314 0.54 -15.77 3.98
CA ASP A 314 -0.25 -14.84 4.78
C ASP A 314 0.43 -14.45 6.13
N ASP A 315 1.72 -14.64 6.28
CA ASP A 315 2.41 -13.85 7.32
C ASP A 315 2.34 -12.36 6.99
N LEU A 316 2.45 -12.08 5.69
CA LEU A 316 2.19 -10.75 5.15
C LEU A 316 0.90 -10.86 4.30
N THR A 317 0.13 -9.76 4.17
CA THR A 317 -1.22 -9.91 3.76
C THR A 317 -1.62 -9.18 2.47
N LEU A 318 -0.97 -8.04 2.14
CA LEU A 318 -1.39 -7.31 0.98
C LEU A 318 -0.25 -6.41 0.55
N THR A 319 -0.38 -5.78 -0.65
CA THR A 319 0.72 -5.06 -1.29
C THR A 319 0.34 -3.64 -1.73
N GLY A 320 1.35 -2.78 -1.62
CA GLY A 320 1.26 -1.43 -2.23
C GLY A 320 2.56 -1.18 -2.98
N THR A 321 2.82 0.06 -3.38
CA THR A 321 4.12 0.37 -4.00
C THR A 321 4.97 1.40 -3.31
N ASP A 322 4.38 2.21 -2.45
CA ASP A 322 5.05 3.44 -1.96
C ASP A 322 5.55 4.24 -3.19
N ASN A 323 4.77 4.26 -4.28
CA ASN A 323 5.18 5.06 -5.45
C ASN A 323 5.38 6.58 -5.10
N CYS A 324 6.60 7.07 -5.23
CA CYS A 324 6.85 8.47 -4.84
C CYS A 324 8.08 8.81 -5.72
N THR A 325 7.82 9.19 -6.97
CA THR A 325 8.91 9.17 -7.92
C THR A 325 9.63 10.51 -8.10
N PHE A 326 10.94 10.43 -8.27
CA PHE A 326 11.76 11.63 -8.47
C PHE A 326 12.70 11.37 -9.62
N SER A 327 12.76 12.31 -10.55
CA SER A 327 13.58 12.11 -11.78
C SER A 327 15.03 12.08 -11.37
N ARG A 328 15.88 11.60 -12.28
CA ARG A 328 17.30 11.62 -12.11
C ARG A 328 17.77 13.00 -11.67
N CYS A 329 17.34 14.06 -12.35
CA CYS A 329 17.83 15.41 -11.90
C CYS A 329 17.32 15.79 -10.51
N GLN A 330 16.14 15.30 -10.12
CA GLN A 330 15.72 15.55 -8.69
C GLN A 330 16.50 14.70 -7.66
N LYS A 331 16.73 13.41 -7.93
CA LYS A 331 17.58 12.60 -7.01
C LYS A 331 18.94 13.30 -6.73
N ALA A 332 19.47 13.90 -7.79
CA ALA A 332 20.82 14.49 -7.77
C ALA A 332 20.91 15.63 -6.77
N LEU A 333 19.78 16.11 -6.21
CA LEU A 333 19.86 16.99 -5.01
C LEU A 333 20.75 16.44 -3.89
N GLY A 334 20.90 15.11 -3.78
CA GLY A 334 21.75 14.62 -2.71
C GLY A 334 23.00 13.98 -3.21
N LYS A 335 23.47 14.39 -4.40
CA LYS A 335 24.75 13.88 -4.95
C LYS A 335 25.90 13.95 -3.95
N ASP A 336 25.93 14.97 -3.09
CA ASP A 336 27.02 15.04 -2.10
C ASP A 336 26.62 14.61 -0.67
N ASP A 337 25.36 14.23 -0.43
CA ASP A 337 24.90 13.96 0.90
C ASP A 337 23.59 13.10 0.77
N PHE A 338 23.66 11.81 1.08
CA PHE A 338 22.48 10.91 0.88
C PHE A 338 21.24 11.40 1.66
N THR A 339 21.40 12.17 2.72
CA THR A 339 20.25 12.64 3.48
C THR A 339 19.46 13.65 2.69
N ARG A 340 19.99 14.11 1.58
CA ARG A 340 19.29 15.12 0.76
C ARG A 340 18.74 14.54 -0.50
N ILE A 341 18.91 13.23 -0.68
CA ILE A 341 18.30 12.59 -1.84
C ILE A 341 16.77 12.44 -1.56
N PRO A 342 15.90 12.95 -2.44
CA PRO A 342 14.46 12.79 -2.17
C PRO A 342 14.14 11.28 -2.22
N ASN A 343 13.50 10.78 -1.16
CA ASN A 343 13.33 9.33 -1.01
C ASN A 343 12.12 8.91 -1.84
N GLY A 344 12.19 7.77 -2.51
CA GLY A 344 11.02 7.25 -3.17
C GLY A 344 11.43 6.54 -4.41
N VAL A 345 10.69 5.49 -4.73
CA VAL A 345 10.90 4.75 -5.92
C VAL A 345 9.61 4.62 -6.74
N ASN A 346 9.70 3.96 -7.92
CA ASN A 346 8.50 3.66 -8.74
C ASN A 346 7.87 2.29 -8.31
N GLY A 347 6.70 1.98 -8.88
CA GLY A 347 6.07 0.68 -8.68
C GLY A 347 4.64 0.66 -9.11
N VAL A 348 3.97 1.83 -9.17
CA VAL A 348 2.52 1.79 -9.31
C VAL A 348 2.14 1.00 -10.57
N GLU A 349 2.90 1.19 -11.67
CA GLU A 349 2.58 0.54 -12.93
C GLU A 349 2.96 -0.94 -12.88
N ASP A 350 4.10 -1.24 -12.29
CA ASP A 350 4.67 -2.61 -12.52
C ASP A 350 4.31 -3.62 -11.44
N ARG A 351 3.67 -3.14 -10.37
CA ARG A 351 3.32 -4.02 -9.22
C ARG A 351 2.67 -5.35 -9.65
N MET A 352 1.62 -5.29 -10.46
CA MET A 352 0.86 -6.51 -10.75
C MET A 352 1.78 -7.54 -11.47
N SER A 353 2.51 -7.11 -12.51
CA SER A 353 3.37 -8.05 -13.27
C SER A 353 4.54 -8.55 -12.40
N VAL A 354 5.10 -7.66 -11.59
CA VAL A 354 6.26 -8.09 -10.77
C VAL A 354 5.78 -9.21 -9.78
N ILE A 355 4.63 -8.98 -9.14
CA ILE A 355 4.15 -9.98 -8.19
C ILE A 355 3.74 -11.27 -8.88
N TRP A 356 3.12 -11.15 -10.05
CA TRP A 356 2.73 -12.39 -10.77
C TRP A 356 3.96 -13.19 -11.13
N GLU A 357 4.95 -12.49 -11.70
CA GLU A 357 6.22 -13.17 -12.11
C GLU A 357 6.92 -13.77 -10.85
N LYS A 358 7.13 -12.95 -9.81
CA LYS A 358 7.97 -13.41 -8.64
C LYS A 358 7.17 -14.31 -7.70
N GLY A 359 5.83 -14.25 -7.79
CA GLY A 359 4.98 -15.02 -6.85
C GLY A 359 4.19 -16.17 -7.42
N VAL A 360 3.56 -15.98 -8.58
CA VAL A 360 2.74 -17.06 -9.20
C VAL A 360 3.58 -17.88 -10.15
N HIS A 361 4.28 -17.23 -11.09
CA HIS A 361 5.06 -18.02 -12.10
C HIS A 361 6.09 -18.86 -11.35
N SER A 362 6.62 -18.30 -10.23
CA SER A 362 7.67 -19.02 -9.46
C SER A 362 7.11 -20.20 -8.68
N GLY A 363 5.76 -20.35 -8.62
CA GLY A 363 5.16 -21.40 -7.85
C GLY A 363 4.99 -21.18 -6.32
N LYS A 364 5.28 -19.97 -5.85
CA LYS A 364 5.15 -19.60 -4.40
C LYS A 364 3.69 -19.46 -4.01
N MET A 365 2.86 -18.86 -4.86
CA MET A 365 1.43 -18.70 -4.50
C MET A 365 0.61 -18.98 -5.76
N ASP A 366 -0.65 -19.34 -5.61
CA ASP A 366 -1.49 -19.51 -6.78
C ASP A 366 -2.22 -18.24 -7.15
N GLU A 367 -2.99 -18.35 -8.26
CA GLU A 367 -3.68 -17.17 -8.87
C GLU A 367 -4.71 -16.57 -7.90
N ASN A 368 -5.34 -17.42 -7.10
CA ASN A 368 -6.32 -16.90 -6.12
C ASN A 368 -5.68 -16.09 -4.97
N ARG A 369 -4.54 -16.59 -4.47
CA ARG A 369 -3.83 -15.78 -3.45
C ARG A 369 -3.32 -14.51 -4.08
N PHE A 370 -2.95 -14.57 -5.37
CA PHE A 370 -2.53 -13.33 -6.07
C PHE A 370 -3.62 -12.28 -6.05
N VAL A 371 -4.86 -12.70 -6.29
CA VAL A 371 -5.97 -11.70 -6.25
C VAL A 371 -6.09 -11.15 -4.81
N ALA A 372 -6.00 -12.02 -3.81
CA ALA A 372 -6.14 -11.56 -2.43
C ALA A 372 -5.08 -10.55 -2.07
N VAL A 373 -3.81 -10.77 -2.46
CA VAL A 373 -2.76 -9.85 -2.02
C VAL A 373 -2.64 -8.60 -2.90
N THR A 374 -3.33 -8.57 -4.03
CA THR A 374 -3.25 -7.38 -4.86
C THR A 374 -4.55 -6.56 -4.87
N SER A 375 -5.67 -7.11 -4.44
CA SER A 375 -6.92 -6.24 -4.36
C SER A 375 -7.82 -6.59 -3.19
N SER A 376 -8.11 -7.86 -3.00
CA SER A 376 -9.17 -8.26 -2.04
C SER A 376 -8.89 -7.85 -0.60
N ASN A 377 -7.72 -8.18 -0.12
CA ASN A 377 -7.40 -7.78 1.28
C ASN A 377 -7.41 -6.28 1.49
N ALA A 378 -6.89 -5.54 0.51
CA ALA A 378 -6.96 -4.05 0.61
C ALA A 378 -8.40 -3.62 0.79
N ALA A 379 -9.28 -4.18 -0.04
CA ALA A 379 -10.72 -3.83 0.06
C ALA A 379 -11.32 -4.23 1.42
N LYS A 380 -10.93 -5.40 1.95
CA LYS A 380 -11.42 -5.81 3.26
C LYS A 380 -10.91 -4.90 4.40
N ILE A 381 -9.61 -4.58 4.39
CA ILE A 381 -9.02 -3.80 5.51
C ILE A 381 -9.57 -2.36 5.46
N PHE A 382 -9.54 -1.76 4.29
CA PHE A 382 -9.89 -0.33 4.23
C PHE A 382 -11.41 -0.12 4.01
N ASN A 383 -12.19 -1.24 3.96
CA ASN A 383 -13.67 -1.31 4.16
C ASN A 383 -14.52 -1.07 2.89
N PHE A 384 -14.21 -1.76 1.78
CA PHE A 384 -15.09 -1.67 0.63
C PHE A 384 -15.06 -3.00 -0.13
N TYR A 385 -15.22 -4.10 0.61
CA TYR A 385 -15.26 -5.39 -0.02
C TYR A 385 -16.64 -5.88 0.30
N PRO A 386 -17.35 -6.51 -0.65
CA PRO A 386 -16.93 -6.88 -2.01
C PRO A 386 -17.23 -5.83 -3.08
N GLN A 387 -17.48 -4.55 -2.69
CA GLN A 387 -17.62 -3.47 -3.67
C GLN A 387 -16.45 -3.46 -4.65
N LYS A 388 -15.21 -3.61 -4.14
CA LYS A 388 -14.02 -3.87 -5.00
C LYS A 388 -13.33 -5.19 -4.55
N GLY A 389 -12.45 -5.73 -5.39
CA GLY A 389 -11.64 -6.91 -4.97
C GLY A 389 -12.39 -8.17 -5.25
N ARG A 390 -13.50 -8.11 -5.96
CA ARG A 390 -14.22 -9.36 -6.31
C ARG A 390 -14.97 -9.25 -7.63
N ILE A 391 -15.00 -10.36 -8.39
CA ILE A 391 -15.79 -10.39 -9.63
C ILE A 391 -17.10 -11.03 -9.24
N ALA A 392 -18.16 -10.21 -9.06
CA ALA A 392 -19.40 -10.75 -8.52
C ALA A 392 -20.48 -9.73 -8.88
N LYS A 393 -21.69 -10.18 -9.05
CA LYS A 393 -22.84 -9.25 -9.26
C LYS A 393 -22.90 -8.22 -8.17
N ASP A 394 -23.11 -6.96 -8.57
CA ASP A 394 -23.22 -5.76 -7.72
C ASP A 394 -21.89 -5.16 -7.34
N SER A 395 -20.76 -5.83 -7.61
CA SER A 395 -19.46 -5.19 -7.35
C SER A 395 -19.17 -4.10 -8.39
N ASP A 396 -18.25 -3.17 -8.08
CA ASP A 396 -17.80 -2.17 -9.03
C ASP A 396 -17.17 -2.86 -10.21
N ALA A 397 -17.36 -2.30 -11.40
CA ALA A 397 -16.70 -2.92 -12.59
C ALA A 397 -15.27 -2.38 -12.76
N ASP A 398 -14.33 -2.81 -11.91
CA ASP A 398 -12.89 -2.44 -11.99
C ASP A 398 -12.26 -3.80 -12.29
N VAL A 399 -11.92 -4.07 -13.55
CA VAL A 399 -11.75 -5.51 -13.96
C VAL A 399 -10.53 -5.52 -14.88
N VAL A 400 -9.64 -6.52 -14.76
CA VAL A 400 -8.47 -6.56 -15.64
C VAL A 400 -8.52 -7.90 -16.37
N ILE A 401 -8.31 -7.85 -17.68
CA ILE A 401 -8.12 -9.04 -18.46
C ILE A 401 -6.62 -9.31 -18.50
N TRP A 402 -6.26 -10.51 -18.00
CA TRP A 402 -4.90 -10.76 -17.63
C TRP A 402 -4.40 -11.93 -18.47
N ASP A 403 -3.22 -11.77 -19.07
CA ASP A 403 -2.63 -12.89 -19.82
C ASP A 403 -1.48 -13.45 -18.96
N PRO A 404 -1.65 -14.63 -18.37
CA PRO A 404 -0.56 -15.07 -17.45
C PRO A 404 0.54 -15.84 -18.23
N LYS A 405 0.35 -16.12 -19.52
CA LYS A 405 1.36 -16.91 -20.26
C LYS A 405 2.43 -16.04 -20.99
N THR A 406 2.06 -14.84 -21.44
CA THR A 406 2.96 -14.00 -22.19
C THR A 406 3.81 -13.22 -21.21
N THR A 407 4.99 -12.82 -21.67
CA THR A 407 5.92 -12.06 -20.85
C THR A 407 6.00 -10.62 -21.33
N ARG A 408 6.41 -9.70 -20.48
CA ARG A 408 6.74 -8.38 -20.95
C ARG A 408 8.01 -8.03 -20.26
N LYS A 409 8.82 -7.25 -20.94
CA LYS A 409 9.99 -6.73 -20.31
C LYS A 409 9.75 -5.37 -19.74
N ILE A 410 10.05 -5.20 -18.49
CA ILE A 410 9.79 -3.89 -17.90
C ILE A 410 10.95 -2.93 -18.28
N SER A 411 10.64 -1.69 -18.71
CA SER A 411 11.68 -0.72 -19.11
C SER A 411 11.21 0.70 -18.96
N ALA A 412 12.07 1.57 -18.47
CA ALA A 412 11.77 3.00 -18.52
C ALA A 412 11.53 3.55 -19.95
N GLN A 413 11.98 2.79 -20.97
CA GLN A 413 11.75 3.21 -22.36
C GLN A 413 10.30 2.97 -22.78
N THR A 414 9.64 2.01 -22.12
CA THR A 414 8.29 1.73 -22.55
C THR A 414 7.19 1.99 -21.45
N HIS A 415 7.62 2.31 -20.24
CA HIS A 415 6.63 2.41 -19.18
C HIS A 415 5.85 3.73 -19.30
N HIS A 416 4.75 3.88 -18.56
CA HIS A 416 3.89 5.09 -18.58
C HIS A 416 4.07 6.02 -17.43
N GLN A 417 4.97 5.68 -16.51
CA GLN A 417 5.29 6.57 -15.43
C GLN A 417 6.06 7.80 -15.90
N ALA A 418 6.02 8.86 -15.13
CA ALA A 418 6.69 10.11 -15.61
C ALA A 418 8.19 10.02 -15.34
N VAL A 419 8.57 9.21 -14.34
CA VAL A 419 9.98 9.07 -13.95
C VAL A 419 10.83 8.47 -15.09
N ASP A 420 12.07 8.95 -15.20
CA ASP A 420 12.94 8.57 -16.35
C ASP A 420 13.89 7.40 -15.99
N TYR A 421 13.53 6.54 -15.02
CA TYR A 421 14.23 5.26 -14.89
C TYR A 421 13.18 4.33 -14.21
N ASN A 422 13.52 3.08 -14.03
CA ASN A 422 12.64 2.11 -13.43
C ASN A 422 13.52 1.16 -12.60
N ILE A 423 13.19 1.00 -11.30
CA ILE A 423 13.97 0.09 -10.47
C ILE A 423 13.85 -1.38 -10.88
N PHE A 424 12.92 -1.75 -11.77
CA PHE A 424 12.80 -3.13 -12.21
C PHE A 424 13.34 -3.25 -13.67
N GLU A 425 14.09 -2.23 -14.12
CA GLU A 425 14.59 -2.17 -15.54
C GLU A 425 15.09 -3.55 -15.96
N GLY A 426 14.59 -4.09 -17.07
CA GLY A 426 15.16 -5.30 -17.66
C GLY A 426 14.38 -6.51 -17.21
N MET A 427 13.51 -6.39 -16.20
CA MET A 427 12.91 -7.61 -15.70
C MET A 427 11.92 -8.16 -16.66
N GLU A 428 12.06 -9.47 -16.91
CA GLU A 428 11.12 -10.15 -17.77
C GLU A 428 10.00 -10.76 -16.91
N CYS A 429 8.76 -10.26 -17.01
CA CYS A 429 7.63 -10.84 -16.19
C CYS A 429 6.61 -11.59 -17.00
N HIS A 430 6.26 -12.83 -16.61
CA HIS A 430 5.01 -13.44 -16.99
C HIS A 430 3.89 -12.61 -16.38
N GLY A 431 2.75 -12.46 -17.09
CA GLY A 431 1.58 -11.76 -16.53
C GLY A 431 1.46 -10.35 -17.08
N VAL A 432 0.57 -10.18 -18.06
CA VAL A 432 0.43 -8.93 -18.83
C VAL A 432 -1.02 -8.44 -18.70
N PRO A 433 -1.21 -7.21 -18.21
CA PRO A 433 -2.57 -6.71 -18.29
C PRO A 433 -2.92 -6.36 -19.78
N VAL A 434 -3.84 -7.07 -20.39
CA VAL A 434 -4.16 -6.74 -21.77
C VAL A 434 -5.31 -5.70 -21.94
N VAL A 435 -6.30 -5.72 -21.04
CA VAL A 435 -7.36 -4.77 -21.07
C VAL A 435 -7.59 -4.34 -19.60
N THR A 436 -7.75 -3.04 -19.36
CA THR A 436 -8.14 -2.61 -18.04
C THR A 436 -9.50 -1.92 -18.14
N VAL A 437 -10.48 -2.37 -17.34
CA VAL A 437 -11.75 -1.65 -17.20
C VAL A 437 -11.85 -0.95 -15.85
N SER A 438 -12.24 0.34 -15.85
CA SER A 438 -12.33 1.09 -14.58
C SER A 438 -13.68 1.80 -14.64
N ARG A 439 -14.45 1.67 -13.56
CA ARG A 439 -15.81 2.21 -13.47
C ARG A 439 -16.63 1.75 -14.69
N GLY A 440 -16.47 0.50 -15.12
CA GLY A 440 -17.22 0.01 -16.30
C GLY A 440 -16.89 0.64 -17.63
N ARG A 441 -15.75 1.30 -17.76
CA ARG A 441 -15.28 1.80 -19.10
C ARG A 441 -13.92 1.15 -19.42
N VAL A 442 -13.74 0.74 -20.69
CA VAL A 442 -12.42 0.29 -21.17
C VAL A 442 -11.45 1.47 -21.17
N VAL A 443 -10.49 1.46 -20.27
CA VAL A 443 -9.59 2.62 -20.20
C VAL A 443 -8.18 2.26 -20.66
N TYR A 444 -7.95 0.99 -20.96
CA TYR A 444 -6.63 0.60 -21.42
C TYR A 444 -6.79 -0.65 -22.26
N GLU A 445 -6.30 -0.61 -23.49
CA GLU A 445 -6.37 -1.81 -24.37
C GLU A 445 -5.43 -1.60 -25.58
N GLU A 446 -4.95 -2.70 -26.13
CA GLU A 446 -3.90 -2.70 -27.18
C GLU A 446 -2.78 -1.77 -26.89
N GLY A 447 -2.32 -1.79 -25.65
CA GLY A 447 -1.27 -0.92 -25.21
C GLY A 447 -1.56 0.56 -25.17
N ARG A 448 -2.81 0.97 -25.33
CA ARG A 448 -3.12 2.38 -25.28
C ARG A 448 -4.14 2.78 -24.18
N LEU A 449 -3.90 3.93 -23.57
CA LEU A 449 -4.76 4.48 -22.55
C LEU A 449 -5.88 5.26 -23.22
N LYS A 450 -7.08 5.11 -22.70
CA LYS A 450 -8.22 5.93 -23.18
C LYS A 450 -8.99 6.45 -21.97
N VAL A 451 -8.56 7.55 -21.37
CA VAL A 451 -9.17 7.99 -20.12
C VAL A 451 -8.84 9.45 -19.90
N SER A 452 -9.65 10.17 -19.14
CA SER A 452 -9.43 11.57 -18.95
C SER A 452 -9.22 11.88 -17.49
N PRO A 453 -8.35 12.88 -17.22
CA PRO A 453 -8.16 13.30 -15.87
C PRO A 453 -9.51 13.63 -15.25
N GLY A 454 -9.74 13.18 -14.02
CA GLY A 454 -10.99 13.44 -13.33
C GLY A 454 -12.08 12.41 -13.51
N GLN A 455 -11.85 11.38 -14.33
CA GLN A 455 -12.86 10.34 -14.57
C GLN A 455 -12.95 9.38 -13.34
N GLY A 456 -11.86 9.23 -12.59
CA GLY A 456 -11.91 8.41 -11.33
C GLY A 456 -12.72 9.11 -10.23
N ARG A 457 -13.10 8.37 -9.18
CA ARG A 457 -13.83 9.00 -8.03
C ARG A 457 -13.18 8.66 -6.70
N PHE A 458 -13.27 9.58 -5.78
CA PHE A 458 -12.85 9.35 -4.38
C PHE A 458 -13.77 8.30 -3.76
N ILE A 459 -13.23 7.29 -3.07
CA ILE A 459 -14.11 6.31 -2.46
C ILE A 459 -14.26 6.64 -0.94
N HIS A 460 -15.51 6.92 -0.49
CA HIS A 460 -15.75 7.37 0.90
C HIS A 460 -15.92 6.10 1.73
N ARG A 461 -15.12 5.86 2.75
CA ARG A 461 -15.28 4.60 3.53
C ARG A 461 -15.90 4.84 4.88
N GLN A 462 -16.52 3.83 5.44
CA GLN A 462 -17.03 3.92 6.80
C GLN A 462 -15.98 3.30 7.72
N PRO A 463 -15.99 3.67 9.00
CA PRO A 463 -15.11 3.17 10.08
C PRO A 463 -15.55 1.78 10.56
N PHE A 464 -14.77 1.12 11.42
CA PHE A 464 -15.13 -0.23 11.93
C PHE A 464 -15.28 -1.30 10.86
N SER A 465 -14.26 -1.37 10.01
CA SER A 465 -14.19 -2.42 9.03
C SER A 465 -14.35 -3.78 9.75
N GLU A 466 -15.28 -4.60 9.31
CA GLU A 466 -15.58 -5.86 10.06
C GLU A 466 -14.40 -6.82 10.04
N PHE A 467 -13.74 -6.86 8.88
CA PHE A 467 -12.54 -7.73 8.73
C PHE A 467 -11.50 -7.38 9.78
N VAL A 468 -11.43 -6.09 10.08
CA VAL A 468 -10.43 -5.64 11.01
C VAL A 468 -10.95 -5.73 12.47
N TYR A 469 -12.19 -5.34 12.71
CA TYR A 469 -12.65 -5.11 14.13
C TYR A 469 -13.38 -6.28 14.82
N LYS A 470 -13.81 -7.30 14.04
CA LYS A 470 -14.66 -8.30 14.74
C LYS A 470 -13.94 -8.93 15.93
N ARG A 471 -12.65 -9.27 15.77
CA ARG A 471 -11.90 -9.80 16.93
C ARG A 471 -11.61 -8.73 18.00
N ILE A 472 -11.29 -7.54 17.55
CA ILE A 472 -11.05 -6.44 18.49
C ILE A 472 -12.27 -6.35 19.44
N ARG A 473 -13.48 -6.23 18.85
CA ARG A 473 -14.72 -6.01 19.64
C ARG A 473 -14.98 -7.19 20.55
N GLN A 474 -14.68 -8.40 20.10
CA GLN A 474 -14.94 -9.57 21.00
C GLN A 474 -13.96 -9.54 22.19
N ARG A 475 -12.72 -9.13 21.95
CA ARG A 475 -11.72 -9.05 23.02
C ARG A 475 -12.06 -7.93 24.05
N ASP A 476 -12.69 -6.84 23.59
CA ASP A 476 -13.17 -5.82 24.56
C ASP A 476 -14.23 -6.48 25.48
N GLU A 477 -15.01 -7.41 24.96
CA GLU A 477 -16.07 -8.08 25.74
C GLU A 477 -15.56 -9.16 26.68
N VAL A 478 -14.61 -10.02 26.28
CA VAL A 478 -14.15 -11.12 27.18
C VAL A 478 -12.76 -10.93 27.74
N GLY A 479 -12.01 -9.96 27.27
CA GLY A 479 -10.61 -9.85 27.72
C GLY A 479 -10.41 -8.75 28.76
N LYS A 480 -11.46 -8.30 29.46
CA LYS A 480 -11.25 -7.20 30.46
C LYS A 480 -10.47 -7.77 31.66
N PRO A 481 -9.50 -6.98 32.23
CA PRO A 481 -8.78 -7.51 33.40
C PRO A 481 -9.77 -7.58 34.59
N ALA A 482 -9.62 -8.61 35.44
CA ALA A 482 -10.52 -8.77 36.58
C ALA A 482 -9.76 -8.57 37.92
N VAL A 483 -10.37 -7.85 38.86
CA VAL A 483 -9.88 -7.77 40.25
C VAL A 483 -9.99 -9.12 40.98
N VAL A 484 -9.03 -9.46 41.84
CA VAL A 484 -9.20 -10.59 42.78
C VAL A 484 -10.02 -10.03 43.97
N ILE A 485 -11.07 -10.75 44.37
CA ILE A 485 -11.88 -10.29 45.54
C ILE A 485 -11.23 -10.71 46.85
N ARG A 486 -10.89 -9.75 47.68
CA ARG A 486 -10.19 -9.95 48.95
C ARG A 486 -10.80 -9.15 50.10
N GLU A 487 -10.65 -9.70 51.29
CA GLU A 487 -10.90 -8.91 52.50
C GLU A 487 -9.82 -7.80 52.68
N PRO A 488 -10.21 -6.58 53.16
CA PRO A 488 -9.18 -5.55 53.33
C PRO A 488 -8.02 -6.01 54.24
N TYR A 489 -6.85 -5.52 53.92
CA TYR A 489 -5.71 -5.91 54.70
C TYR A 489 -5.81 -5.32 56.13
N ALA A 490 -5.83 -6.22 57.12
CA ALA A 490 -6.09 -5.88 58.54
C ALA A 490 -4.85 -5.41 59.32
N GLY A 491 -3.68 -5.98 59.01
CA GLY A 491 -2.41 -5.79 59.76
C GLY A 491 -1.79 -4.41 59.85
N GLU A 492 -0.66 -4.32 60.55
CA GLU A 492 0.02 -3.05 60.75
C GLU A 492 0.72 -2.51 59.49
N VAL A 493 0.80 -1.18 59.41
CA VAL A 493 1.50 -0.47 58.34
C VAL A 493 2.70 0.27 59.00
N VAL A 494 3.91 0.21 58.41
CA VAL A 494 5.04 1.05 58.91
C VAL A 494 4.71 2.57 58.88
N ALA A 495 5.30 3.35 59.80
CA ALA A 495 5.12 4.83 59.84
C ALA A 495 5.42 5.57 58.53
N1 MHA B . 8.57 8.74 1.58
C1 MHA B . 8.32 7.81 2.76
C2 MHA B . 8.09 6.38 2.16
O1 MHA B . 8.35 5.43 2.84
O2 MHA B . 7.76 6.29 0.96
C3 MHA B . 7.47 9.72 1.26
C4 MHA B . 6.79 10.21 2.55
O3 MHA B . 6.16 9.30 3.16
O4 MHA B . 6.94 11.44 2.92
C5 MHA B . 9.17 8.20 0.37
C6 MHA B . 10.22 7.03 0.58
O5 MHA B . 10.85 6.84 1.62
N2 MHA B . 10.33 6.22 -0.44
N1 MHA C . 11.93 12.14 3.55
C1 MHA C . 12.14 10.78 4.06
C2 MHA C . 11.20 9.80 3.39
O1 MHA C . 11.17 8.58 3.84
O2 MHA C . 10.58 10.28 2.39
C3 MHA C . 10.90 12.83 4.39
C4 MHA C . 9.93 13.70 3.52
O3 MHA C . 9.91 13.52 2.28
O4 MHA C . 9.22 14.57 4.11
C5 MHA C . 13.27 12.84 3.52
C6 MHA C . 13.89 12.73 2.12
O5 MHA C . 13.16 12.39 1.17
N2 MHA C . 15.24 12.99 2.01
N1 MHA D . 18.49 10.28 6.39
C1 MHA D . 17.90 10.57 7.72
C2 MHA D . 18.34 11.93 8.34
O1 MHA D . 18.74 11.96 9.54
O2 MHA D . 18.15 12.95 7.64
C3 MHA D . 17.54 9.77 5.34
C4 MHA D . 17.53 10.40 3.91
O3 MHA D . 17.92 9.82 2.67
O4 MHA D . 16.99 11.49 4.25
C5 MHA D . 19.24 9.06 6.68
C6 MHA D . 19.03 7.94 5.59
O5 MHA D . 19.11 6.81 5.84
N2 MHA D . 18.81 8.26 4.30
#